data_3BFX
#
_entry.id   3BFX
#
_cell.length_a   48.824
_cell.length_b   40.536
_cell.length_c   154.612
_cell.angle_alpha   90.00
_cell.angle_beta   91.83
_cell.angle_gamma   90.00
#
_symmetry.space_group_name_H-M   'P 1 2 1'
#
loop_
_entity.id
_entity.type
_entity.pdbx_description
1 polymer 'Sulfotransferase 1C2'
2 non-polymer "ADENOSINE-3'-5'-DIPHOSPHATE"
3 water water
#
_entity_poly.entity_id   1
_entity_poly.type   'polypeptide(L)'
_entity_poly.pdbx_seq_one_letter_code
;GSLTSDLGKQIKLKEVEGTLLQPATVDNWSQIQSFEAKPDDLLICTYPKAGTTWIQEIVDMIEQNGDVEKCQRAIIQHRH
PFIEWARPPQPSGVEKAKAMPSPRILKTHLSTQLLPPSFWENNCKFLYVARNAKDCMVSYYHFQRMNHMLPDPGTWEEYF
ETFINGKVVWGSWFDHVKGWWEMKDRHQILFLFYEDIKRDPKHEIRKVMQFMGKKVDETVLDKIVQETSFEKMKENPMTN
RSTVSKSILDQSISSFMRKGTVGDWKNHFTVAQNERFDEIYRRKMEGTSINFSMEL
;
_entity_poly.pdbx_strand_id   A,B
#
# COMPACT_ATOMS: atom_id res chain seq x y z
N LYS A 12 -25.15 10.28 27.96
CA LYS A 12 -23.80 10.89 28.16
C LYS A 12 -22.95 10.82 26.89
N LEU A 13 -22.24 11.90 26.65
CA LEU A 13 -21.37 12.05 25.50
C LEU A 13 -20.25 12.88 26.05
N LYS A 14 -19.05 12.76 25.49
CA LYS A 14 -17.94 13.61 25.86
C LYS A 14 -17.55 14.40 24.62
N GLU A 15 -16.56 15.28 24.73
CA GLU A 15 -16.21 16.13 23.58
C GLU A 15 -14.71 16.11 23.35
N VAL A 16 -14.30 16.23 22.09
CA VAL A 16 -12.92 16.58 21.75
C VAL A 16 -12.97 17.80 20.89
N GLU A 17 -12.29 18.86 21.35
CA GLU A 17 -12.26 20.12 20.61
C GLU A 17 -13.67 20.53 20.16
N GLY A 18 -14.63 20.30 21.05
CA GLY A 18 -16.00 20.79 20.86
C GLY A 18 -16.91 19.86 20.06
N THR A 19 -16.33 18.77 19.55
CA THR A 19 -17.08 17.74 18.79
C THR A 19 -17.56 16.65 19.75
N LEU A 20 -18.86 16.39 19.73
CA LEU A 20 -19.44 15.33 20.54
C LEU A 20 -19.00 13.94 20.04
N LEU A 21 -18.55 13.11 20.96
CA LEU A 21 -18.14 11.73 20.66
C LEU A 21 -18.57 10.80 21.81
N GLN A 22 -18.68 9.51 21.49
CA GLN A 22 -19.02 8.50 22.49
C GLN A 22 -17.99 8.54 23.60
N PRO A 23 -18.42 8.34 24.86
CA PRO A 23 -17.49 8.55 25.96
C PRO A 23 -16.21 7.68 25.88
N ALA A 24 -16.39 6.41 25.53
CA ALA A 24 -15.28 5.46 25.47
C ALA A 24 -14.26 5.88 24.39
N THR A 25 -14.77 6.52 23.33
CA THR A 25 -13.89 7.08 22.28
C THR A 25 -12.98 8.16 22.85
N VAL A 26 -13.58 9.10 23.57
CA VAL A 26 -12.83 10.18 24.16
C VAL A 26 -11.82 9.66 25.20
N ASP A 27 -12.26 8.66 25.99
CA ASP A 27 -11.35 8.02 26.96
C ASP A 27 -10.14 7.35 26.26
N ASN A 28 -10.33 6.90 25.03
CA ASN A 28 -9.25 6.24 24.26
C ASN A 28 -8.52 7.20 23.29
N TRP A 29 -8.63 8.52 23.53
CA TRP A 29 -8.17 9.49 22.55
C TRP A 29 -6.67 9.48 22.31
N SER A 30 -5.87 9.30 23.37
CA SER A 30 -4.45 9.33 23.13
C SER A 30 -4.01 8.09 22.29
N GLN A 31 -4.62 6.91 22.52
CA GLN A 31 -4.37 5.71 21.70
C GLN A 31 -4.80 5.95 20.25
N ILE A 32 -5.95 6.60 20.07
CA ILE A 32 -6.46 6.83 18.72
C ILE A 32 -5.50 7.72 17.96
N GLN A 33 -5.07 8.81 18.61
CA GLN A 33 -4.20 9.78 17.96
C GLN A 33 -2.81 9.29 17.66
N SER A 34 -2.29 8.36 18.45
CA SER A 34 -0.96 7.77 18.15
C SER A 34 -0.99 6.56 17.20
N PHE A 35 -2.15 6.27 16.63
CA PHE A 35 -2.27 5.16 15.69
C PHE A 35 -1.25 5.28 14.56
N GLU A 36 -0.60 4.17 14.24
CA GLU A 36 0.36 4.14 13.14
C GLU A 36 -0.32 3.62 11.87
N ALA A 37 -0.53 4.49 10.89
CA ALA A 37 -1.05 4.11 9.58
C ALA A 37 0.06 3.51 8.72
N LYS A 38 -0.35 2.84 7.65
CA LYS A 38 0.60 2.24 6.71
C LYS A 38 0.22 2.71 5.32
N PRO A 39 1.21 2.87 4.43
CA PRO A 39 0.88 3.40 3.10
C PRO A 39 -0.16 2.65 2.31
N ASP A 40 -0.26 1.34 2.50
CA ASP A 40 -1.29 0.59 1.76
C ASP A 40 -2.65 0.48 2.48
N ASP A 41 -2.81 1.20 3.60
CA ASP A 41 -4.14 1.26 4.26
C ASP A 41 -5.12 1.90 3.28
N LEU A 42 -6.35 1.38 3.29
CA LEU A 42 -7.48 2.06 2.66
C LEU A 42 -8.42 2.48 3.78
N LEU A 43 -8.62 3.80 3.91
CA LEU A 43 -9.47 4.36 4.95
C LEU A 43 -10.82 4.85 4.36
N ILE A 44 -11.92 4.22 4.78
CA ILE A 44 -13.26 4.60 4.35
C ILE A 44 -13.74 5.68 5.33
N CYS A 45 -14.13 6.81 4.77
CA CYS A 45 -14.39 7.99 5.58
C CYS A 45 -15.75 8.51 5.17
N THR A 46 -16.66 8.63 6.15
CA THR A 46 -17.98 9.18 5.89
C THR A 46 -18.44 10.03 7.07
N TYR A 47 -19.17 11.10 6.80
CA TYR A 47 -20.01 11.67 7.85
C TYR A 47 -21.10 10.62 8.18
N PRO A 48 -21.58 10.55 9.45
CA PRO A 48 -22.65 9.57 9.72
C PRO A 48 -23.84 9.73 8.78
N LYS A 49 -24.31 8.59 8.28
CA LYS A 49 -25.50 8.48 7.43
C LYS A 49 -25.25 8.80 5.95
N ALA A 50 -24.01 9.10 5.57
CA ALA A 50 -23.69 9.43 4.17
C ALA A 50 -23.51 8.19 3.30
N GLY A 51 -23.49 7.00 3.89
CA GLY A 51 -23.41 5.76 3.09
C GLY A 51 -22.35 4.75 3.53
N THR A 52 -21.96 4.78 4.80
CA THR A 52 -20.92 3.87 5.32
C THR A 52 -21.24 2.39 5.07
N THR A 53 -22.42 1.95 5.48
CA THR A 53 -22.84 0.54 5.34
C THR A 53 -22.78 0.07 3.87
N TRP A 54 -23.32 0.91 2.99
CA TRP A 54 -23.30 0.68 1.55
C TRP A 54 -21.86 0.57 0.98
N ILE A 55 -21.05 1.61 1.17
CA ILE A 55 -19.69 1.61 0.63
C ILE A 55 -18.81 0.48 1.22
N GLN A 56 -19.04 0.15 2.48
CA GLN A 56 -18.30 -0.97 3.09
C GLN A 56 -18.62 -2.30 2.42
N GLU A 57 -19.88 -2.50 2.10
CA GLU A 57 -20.33 -3.71 1.39
C GLU A 57 -19.74 -3.79 -0.03
N ILE A 58 -19.76 -2.66 -0.72
CA ILE A 58 -19.10 -2.51 -2.03
C ILE A 58 -17.59 -2.85 -1.96
N VAL A 59 -16.88 -2.23 -1.05
CA VAL A 59 -15.43 -2.47 -0.89
C VAL A 59 -15.16 -3.95 -0.57
N ASP A 60 -15.96 -4.50 0.35
CA ASP A 60 -15.81 -5.89 0.76
C ASP A 60 -16.02 -6.83 -0.44
N MET A 61 -17.06 -6.56 -1.22
CA MET A 61 -17.30 -7.41 -2.39
C MET A 61 -16.19 -7.32 -3.42
N ILE A 62 -15.66 -6.11 -3.63
CA ILE A 62 -14.57 -5.90 -4.55
C ILE A 62 -13.34 -6.67 -4.05
N GLU A 63 -13.06 -6.57 -2.75
CA GLU A 63 -11.92 -7.29 -2.18
C GLU A 63 -12.01 -8.83 -2.35
N GLN A 64 -13.22 -9.37 -2.40
CA GLN A 64 -13.43 -10.82 -2.16
C GLN A 64 -13.35 -11.97 -3.18
N ASN A 65 -13.68 -11.78 -4.46
CA ASN A 65 -14.11 -10.54 -5.09
C ASN A 65 -15.32 -10.80 -6.01
N GLY A 66 -16.48 -10.36 -5.55
CA GLY A 66 -17.75 -10.74 -6.10
C GLY A 66 -18.23 -11.93 -5.33
N HIS A 80 -14.16 -4.32 9.21
CA HIS A 80 -13.11 -3.30 9.08
C HIS A 80 -13.11 -2.54 10.39
N PRO A 81 -11.97 -2.49 11.10
CA PRO A 81 -11.89 -1.75 12.33
C PRO A 81 -12.34 -0.29 12.15
N PHE A 82 -13.17 0.13 13.08
N PHE A 82 -13.34 0.16 12.94
CA PHE A 82 -13.65 1.47 13.24
CA PHE A 82 -13.63 1.60 13.11
C PHE A 82 -12.60 2.13 14.13
C PHE A 82 -12.60 2.12 14.07
N ILE A 83 -11.78 3.02 13.58
CA ILE A 83 -10.58 3.44 14.30
C ILE A 83 -10.90 4.05 15.66
N GLU A 84 -11.95 4.89 15.72
CA GLU A 84 -12.26 5.62 16.95
C GLU A 84 -13.13 4.83 17.97
N TRP A 85 -13.59 3.65 17.57
CA TRP A 85 -14.44 2.83 18.43
C TRP A 85 -13.67 2.26 19.63
N ALA A 86 -14.30 2.27 20.80
CA ALA A 86 -13.69 1.66 21.99
C ALA A 86 -14.84 1.20 22.88
N ARG A 87 -14.60 0.14 23.62
CA ARG A 87 -15.58 -0.40 24.56
C ARG A 87 -14.82 -1.36 25.49
N PRO A 88 -14.04 -0.80 26.42
CA PRO A 88 -13.27 -1.67 27.29
C PRO A 88 -14.22 -2.59 28.05
N PRO A 89 -13.78 -3.80 28.39
CA PRO A 89 -12.46 -4.40 28.19
C PRO A 89 -12.27 -5.12 26.86
N GLN A 90 -13.18 -4.93 25.90
CA GLN A 90 -13.08 -5.53 24.57
C GLN A 90 -11.96 -4.81 23.82
N PRO A 91 -11.38 -5.49 22.81
CA PRO A 91 -10.34 -4.86 22.00
C PRO A 91 -10.90 -3.59 21.33
N SER A 92 -10.13 -2.51 21.37
CA SER A 92 -10.51 -1.24 20.70
C SER A 92 -10.33 -1.28 19.19
N GLY A 93 -10.91 -0.30 18.50
CA GLY A 93 -10.69 -0.23 17.03
C GLY A 93 -9.21 -0.16 16.64
N VAL A 94 -8.40 0.60 17.37
CA VAL A 94 -6.96 0.70 17.05
C VAL A 94 -6.17 -0.57 17.42
N GLU A 95 -6.58 -1.27 18.49
CA GLU A 95 -5.98 -2.59 18.81
C GLU A 95 -6.28 -3.61 17.72
N LYS A 96 -7.52 -3.64 17.24
CA LYS A 96 -7.88 -4.54 16.14
C LYS A 96 -7.12 -4.19 14.84
N ALA A 97 -7.02 -2.90 14.54
CA ALA A 97 -6.32 -2.44 13.35
C ALA A 97 -4.83 -2.77 13.40
N LYS A 98 -4.22 -2.63 14.58
CA LYS A 98 -2.80 -2.82 14.75
C LYS A 98 -2.44 -4.27 14.39
N ALA A 99 -3.36 -5.19 14.63
CA ALA A 99 -3.08 -6.60 14.39
C ALA A 99 -3.48 -7.08 12.98
N MET A 100 -4.15 -6.24 12.20
CA MET A 100 -4.72 -6.66 10.91
C MET A 100 -3.60 -6.77 9.85
N PRO A 101 -3.59 -7.86 9.05
CA PRO A 101 -2.60 -7.95 7.97
C PRO A 101 -2.91 -6.93 6.87
N SER A 102 -1.85 -6.40 6.27
CA SER A 102 -1.96 -5.48 5.12
C SER A 102 -2.40 -6.23 3.85
N PRO A 103 -3.11 -5.54 2.92
CA PRO A 103 -3.56 -4.16 3.01
C PRO A 103 -4.73 -4.08 3.95
N ARG A 104 -4.68 -3.13 4.88
CA ARG A 104 -5.75 -2.99 5.85
C ARG A 104 -6.89 -2.17 5.26
N ILE A 105 -8.11 -2.56 5.56
CA ILE A 105 -9.28 -1.73 5.21
C ILE A 105 -9.88 -1.30 6.53
N LEU A 106 -9.92 0.03 6.72
CA LEU A 106 -10.34 0.62 7.98
C LEU A 106 -11.43 1.66 7.74
N LYS A 107 -12.09 2.10 8.82
CA LYS A 107 -13.13 3.14 8.66
C LYS A 107 -13.17 4.14 9.79
N THR A 108 -13.67 5.34 9.48
CA THR A 108 -13.76 6.37 10.46
C THR A 108 -14.89 7.33 10.07
N HIS A 109 -15.46 8.00 11.09
CA HIS A 109 -16.36 9.14 10.83
C HIS A 109 -15.62 10.43 11.22
N LEU A 110 -14.34 10.34 11.59
CA LEU A 110 -13.63 11.56 12.03
C LEU A 110 -13.49 12.61 10.94
N SER A 111 -13.65 13.86 11.34
CA SER A 111 -13.32 15.01 10.45
C SER A 111 -11.82 15.07 10.17
N THR A 112 -11.39 15.87 9.19
CA THR A 112 -9.95 16.01 8.94
C THR A 112 -9.19 16.56 10.14
N GLN A 113 -9.83 17.45 10.89
CA GLN A 113 -9.24 18.05 12.10
C GLN A 113 -8.90 16.98 13.15
N LEU A 114 -9.80 16.03 13.36
CA LEU A 114 -9.62 15.03 14.41
C LEU A 114 -8.91 13.74 13.93
N LEU A 115 -8.68 13.59 12.64
CA LEU A 115 -8.11 12.31 12.14
C LEU A 115 -6.69 12.13 12.70
N PRO A 116 -6.34 10.89 13.16
CA PRO A 116 -4.91 10.65 13.58
C PRO A 116 -3.92 11.09 12.50
N PRO A 117 -2.92 11.88 12.85
CA PRO A 117 -2.13 12.47 11.77
C PRO A 117 -1.25 11.52 10.95
N SER A 118 -0.99 10.31 11.47
CA SER A 118 -0.22 9.32 10.71
C SER A 118 -0.85 9.02 9.35
N PHE A 119 -2.18 9.13 9.22
CA PHE A 119 -2.79 8.83 7.91
C PHE A 119 -2.35 9.80 6.79
N TRP A 120 -2.15 11.05 7.16
CA TRP A 120 -1.63 12.07 6.21
C TRP A 120 -0.18 11.79 5.83
N GLU A 121 0.64 11.41 6.80
CA GLU A 121 2.09 11.20 6.60
C GLU A 121 2.40 9.98 5.72
N ASN A 122 1.50 9.01 5.68
CA ASN A 122 1.79 7.76 4.97
C ASN A 122 1.21 7.69 3.58
N ASN A 123 0.62 8.81 3.16
CA ASN A 123 0.01 8.93 1.85
C ASN A 123 -0.98 7.82 1.60
N CYS A 124 -1.86 7.58 2.58
CA CYS A 124 -2.81 6.46 2.51
C CYS A 124 -3.84 6.71 1.42
N LYS A 125 -4.54 5.66 0.99
CA LYS A 125 -5.77 5.82 0.20
C LYS A 125 -6.97 6.17 1.10
N PHE A 126 -7.71 7.20 0.72
CA PHE A 126 -8.97 7.54 1.42
C PHE A 126 -10.11 7.41 0.45
N LEU A 127 -11.16 6.67 0.87
CA LEU A 127 -12.39 6.61 0.09
C LEU A 127 -13.45 7.40 0.86
N TYR A 128 -13.79 8.57 0.32
CA TYR A 128 -14.75 9.44 1.02
C TYR A 128 -16.11 9.36 0.32
N VAL A 129 -17.19 9.23 1.08
CA VAL A 129 -18.52 9.29 0.44
C VAL A 129 -19.26 10.47 1.10
N ALA A 130 -19.70 11.42 0.26
CA ALA A 130 -20.51 12.57 0.70
C ALA A 130 -21.95 12.34 0.34
N ARG A 131 -22.87 12.94 1.08
CA ARG A 131 -24.31 12.84 0.72
C ARG A 131 -24.96 14.18 1.04
N ASN A 132 -25.98 14.58 0.29
CA ASN A 132 -26.54 15.93 0.55
C ASN A 132 -26.97 16.13 2.02
N ALA A 133 -26.84 17.38 2.48
CA ALA A 133 -27.06 17.71 3.89
C ALA A 133 -28.51 17.44 4.36
N LYS A 134 -29.46 17.59 3.45
CA LYS A 134 -30.88 17.48 3.80
C LYS A 134 -31.24 16.04 4.02
N ASP A 135 -30.77 15.16 3.13
CA ASP A 135 -30.99 13.72 3.32
C ASP A 135 -30.20 13.18 4.49
N CYS A 136 -29.00 13.72 4.73
CA CYS A 136 -28.24 13.34 5.94
C CYS A 136 -28.99 13.70 7.24
N MET A 137 -29.59 14.90 7.27
CA MET A 137 -30.35 15.32 8.44
C MET A 137 -31.51 14.36 8.72
N VAL A 138 -32.26 14.01 7.68
CA VAL A 138 -33.38 13.09 7.83
C VAL A 138 -32.92 11.70 8.30
N SER A 139 -31.86 11.18 7.68
CA SER A 139 -31.40 9.83 8.02
C SER A 139 -30.89 9.83 9.47
N TYR A 140 -30.22 10.91 9.89
CA TYR A 140 -29.60 10.93 11.23
C TYR A 140 -30.74 11.06 12.26
N TYR A 141 -31.75 11.88 11.94
CA TYR A 141 -32.90 12.01 12.85
C TYR A 141 -33.53 10.64 13.20
N HIS A 142 -33.89 9.85 12.20
CA HIS A 142 -34.51 8.54 12.41
C HIS A 142 -33.56 7.56 13.08
N PHE A 143 -32.30 7.60 12.70
CA PHE A 143 -31.26 6.80 13.39
C PHE A 143 -31.14 7.12 14.88
N GLN A 144 -31.12 8.40 15.24
CA GLN A 144 -31.08 8.78 16.67
C GLN A 144 -32.31 8.28 17.43
N ARG A 145 -33.45 8.25 16.75
CA ARG A 145 -34.68 7.70 17.35
C ARG A 145 -34.62 6.20 17.60
N MET A 146 -34.08 5.45 16.66
CA MET A 146 -34.07 3.99 16.79
C MET A 146 -32.87 3.44 17.55
N ASN A 147 -31.83 4.26 17.74
CA ASN A 147 -30.57 3.78 18.34
C ASN A 147 -30.33 4.26 19.76
N HIS A 148 -30.39 3.34 20.73
CA HIS A 148 -30.32 3.70 22.15
C HIS A 148 -29.00 4.35 22.55
N MET A 149 -27.97 4.18 21.72
CA MET A 149 -26.64 4.72 22.00
C MET A 149 -26.50 6.18 21.56
N LEU A 150 -27.52 6.67 20.86
CA LEU A 150 -27.58 8.06 20.43
C LEU A 150 -28.71 8.80 21.13
N PRO A 151 -28.48 10.10 21.41
CA PRO A 151 -29.48 10.85 22.17
C PRO A 151 -30.80 10.96 21.41
N ASP A 152 -31.90 11.02 22.16
CA ASP A 152 -33.22 11.36 21.65
C ASP A 152 -33.08 12.65 20.86
N PRO A 153 -33.51 12.65 19.58
CA PRO A 153 -33.34 13.86 18.75
C PRO A 153 -34.38 14.95 19.00
N GLY A 154 -35.34 14.70 19.88
CA GLY A 154 -36.44 15.66 20.08
C GLY A 154 -37.44 15.55 18.94
N THR A 155 -38.28 16.57 18.76
CA THR A 155 -39.19 16.62 17.61
C THR A 155 -38.36 16.87 16.36
N TRP A 156 -38.94 16.61 15.19
CA TRP A 156 -38.31 17.05 13.94
C TRP A 156 -37.93 18.52 13.96
N GLU A 157 -38.83 19.38 14.47
CA GLU A 157 -38.55 20.82 14.45
C GLU A 157 -37.33 21.19 15.29
N GLU A 158 -37.19 20.51 16.44
CA GLU A 158 -36.00 20.70 17.29
C GLU A 158 -34.70 20.18 16.64
N TYR A 159 -34.78 18.96 16.13
CA TYR A 159 -33.61 18.34 15.49
C TYR A 159 -33.05 19.11 14.30
N PHE A 160 -33.94 19.70 13.51
CA PHE A 160 -33.58 20.57 12.41
C PHE A 160 -32.49 21.57 12.83
N GLU A 161 -32.76 22.31 13.92
CA GLU A 161 -31.81 23.31 14.42
C GLU A 161 -30.55 22.67 15.01
N THR A 162 -30.73 21.57 15.72
CA THR A 162 -29.64 20.82 16.34
C THR A 162 -28.64 20.39 15.27
N PHE A 163 -29.16 19.80 14.20
CA PHE A 163 -28.32 19.31 13.11
C PHE A 163 -27.63 20.45 12.37
N ILE A 164 -28.36 21.55 12.10
CA ILE A 164 -27.73 22.71 11.46
C ILE A 164 -26.57 23.24 12.33
N ASN A 165 -26.74 23.20 13.64
CA ASN A 165 -25.70 23.68 14.58
C ASN A 165 -24.59 22.66 14.82
N GLY A 166 -24.75 21.47 14.25
CA GLY A 166 -23.70 20.44 14.38
C GLY A 166 -23.65 19.78 15.74
N LYS A 167 -24.74 19.87 16.52
CA LYS A 167 -24.75 19.35 17.89
C LYS A 167 -25.18 17.90 17.94
N VAL A 168 -24.45 17.09 17.17
CA VAL A 168 -24.77 15.69 17.00
C VAL A 168 -23.43 14.97 17.10
N VAL A 169 -23.46 13.65 17.32
CA VAL A 169 -22.21 12.90 17.47
C VAL A 169 -21.46 12.98 16.14
N TRP A 170 -20.14 13.19 16.22
CA TRP A 170 -19.23 13.47 15.07
C TRP A 170 -19.35 14.86 14.45
N GLY A 171 -20.17 15.72 15.05
CA GLY A 171 -20.02 17.15 14.75
C GLY A 171 -20.79 17.61 13.52
N SER A 172 -20.37 18.76 12.97
CA SER A 172 -21.14 19.40 11.89
C SER A 172 -20.94 18.70 10.54
N TRP A 173 -22.04 18.41 9.84
CA TRP A 173 -22.00 18.01 8.44
C TRP A 173 -21.14 18.97 7.61
N PHE A 174 -21.32 20.29 7.82
CA PHE A 174 -20.64 21.30 7.02
C PHE A 174 -19.13 21.22 7.18
N ASP A 175 -18.70 21.15 8.42
CA ASP A 175 -17.26 21.14 8.71
C ASP A 175 -16.64 19.86 8.14
N HIS A 176 -17.37 18.75 8.27
CA HIS A 176 -16.86 17.44 7.80
C HIS A 176 -16.58 17.46 6.31
N VAL A 177 -17.63 17.81 5.56
CA VAL A 177 -17.59 17.75 4.11
C VAL A 177 -16.62 18.77 3.55
N LYS A 178 -16.67 20.01 4.07
CA LYS A 178 -15.70 21.06 3.62
C LYS A 178 -14.24 20.63 3.80
N GLY A 179 -13.90 20.12 4.98
CA GLY A 179 -12.55 19.64 5.33
C GLY A 179 -12.06 18.57 4.40
N TRP A 180 -12.88 17.54 4.20
CA TRP A 180 -12.48 16.41 3.30
C TRP A 180 -12.39 16.84 1.81
N TRP A 181 -13.33 17.67 1.38
CA TRP A 181 -13.28 18.25 0.04
C TRP A 181 -12.00 19.04 -0.20
N GLU A 182 -11.58 19.87 0.77
CA GLU A 182 -10.33 20.65 0.72
C GLU A 182 -9.11 19.73 0.55
N MET A 183 -9.10 18.63 1.31
CA MET A 183 -7.96 17.72 1.35
C MET A 183 -7.77 16.89 0.10
N LYS A 184 -8.83 16.73 -0.71
CA LYS A 184 -8.78 15.88 -1.89
C LYS A 184 -7.71 16.34 -2.91
N ASP A 185 -7.31 17.61 -2.81
CA ASP A 185 -6.41 18.26 -3.75
C ASP A 185 -4.93 17.95 -3.39
N ARG A 186 -4.70 17.44 -2.18
CA ARG A 186 -3.37 17.26 -1.59
C ARG A 186 -3.08 15.81 -1.19
N HIS A 187 -4.11 14.98 -1.15
CA HIS A 187 -4.01 13.59 -0.69
C HIS A 187 -4.76 12.65 -1.63
N GLN A 188 -4.53 11.36 -1.47
CA GLN A 188 -5.04 10.34 -2.37
C GLN A 188 -6.48 9.99 -1.99
N ILE A 189 -7.41 10.89 -2.34
CA ILE A 189 -8.80 10.72 -1.91
C ILE A 189 -9.69 10.47 -3.11
N LEU A 190 -10.40 9.35 -3.10
CA LEU A 190 -11.45 9.14 -4.08
C LEU A 190 -12.75 9.66 -3.44
N PHE A 191 -13.27 10.76 -3.98
CA PHE A 191 -14.35 11.50 -3.33
C PHE A 191 -15.62 11.23 -4.10
N LEU A 192 -16.48 10.41 -3.51
CA LEU A 192 -17.72 9.99 -4.18
C LEU A 192 -18.92 10.65 -3.53
N PHE A 193 -20.04 10.59 -4.26
CA PHE A 193 -21.33 11.14 -3.80
C PHE A 193 -22.35 10.04 -3.78
N TYR A 194 -23.00 9.87 -2.64
CA TYR A 194 -24.11 8.94 -2.46
C TYR A 194 -25.12 8.99 -3.62
N GLU A 195 -25.48 10.20 -4.04
CA GLU A 195 -26.52 10.34 -5.07
C GLU A 195 -26.02 9.81 -6.43
N ASP A 196 -24.72 9.95 -6.70
CA ASP A 196 -24.08 9.42 -7.94
C ASP A 196 -24.12 7.89 -7.92
N ILE A 197 -23.79 7.29 -6.78
CA ILE A 197 -23.90 5.83 -6.63
C ILE A 197 -25.36 5.36 -6.82
N LYS A 198 -26.33 6.09 -6.25
CA LYS A 198 -27.71 5.69 -6.46
C LYS A 198 -28.09 5.83 -7.95
N ARG A 199 -27.61 6.89 -8.58
CA ARG A 199 -28.01 7.15 -9.98
C ARG A 199 -27.40 6.16 -10.95
N ASP A 200 -26.11 5.90 -10.80
CA ASP A 200 -25.44 4.95 -11.69
C ASP A 200 -24.42 4.12 -10.90
N PRO A 201 -24.89 3.10 -10.18
CA PRO A 201 -23.97 2.36 -9.28
C PRO A 201 -22.81 1.69 -10.02
N LYS A 202 -23.05 1.20 -11.24
CA LYS A 202 -21.92 0.57 -11.99
C LYS A 202 -20.79 1.56 -12.29
N HIS A 203 -21.17 2.77 -12.68
CA HIS A 203 -20.18 3.80 -13.02
C HIS A 203 -19.30 4.16 -11.82
N GLU A 204 -19.92 4.30 -10.66
CA GLU A 204 -19.19 4.66 -9.43
C GLU A 204 -18.37 3.49 -8.89
N ILE A 205 -18.92 2.29 -8.94
CA ILE A 205 -18.27 1.10 -8.35
C ILE A 205 -17.04 0.78 -9.20
N ARG A 206 -17.14 0.98 -10.52
CA ARG A 206 -15.98 0.84 -11.37
C ARG A 206 -14.83 1.73 -10.91
N LYS A 207 -15.13 2.97 -10.54
CA LYS A 207 -14.11 3.85 -10.00
C LYS A 207 -13.45 3.29 -8.73
N VAL A 208 -14.25 2.71 -7.84
CA VAL A 208 -13.69 2.13 -6.59
C VAL A 208 -12.75 0.95 -6.95
N MET A 209 -13.18 0.09 -7.88
CA MET A 209 -12.32 -1.04 -8.30
C MET A 209 -10.98 -0.54 -8.79
N GLN A 210 -11.00 0.45 -9.66
CA GLN A 210 -9.77 1.07 -10.16
C GLN A 210 -8.90 1.70 -9.07
N PHE A 211 -9.53 2.42 -8.15
CA PHE A 211 -8.84 3.03 -7.02
C PHE A 211 -8.16 1.98 -6.14
N MET A 212 -8.82 0.85 -5.98
CA MET A 212 -8.30 -0.25 -5.18
C MET A 212 -7.27 -1.10 -5.95
N GLY A 213 -7.00 -0.74 -7.19
CA GLY A 213 -5.96 -1.39 -7.98
C GLY A 213 -6.37 -2.73 -8.54
N LYS A 214 -7.68 -2.95 -8.66
CA LYS A 214 -8.25 -4.20 -9.09
C LYS A 214 -8.39 -4.20 -10.61
N LYS A 215 -8.22 -5.36 -11.22
CA LYS A 215 -8.50 -5.45 -12.64
C LYS A 215 -10.01 -5.47 -12.77
N VAL A 216 -10.54 -4.57 -13.59
CA VAL A 216 -11.99 -4.54 -13.75
C VAL A 216 -12.47 -5.69 -14.63
N ASP A 217 -13.12 -6.66 -14.00
CA ASP A 217 -13.84 -7.70 -14.68
C ASP A 217 -15.31 -7.25 -14.77
N GLU A 218 -15.81 -7.03 -15.99
CA GLU A 218 -17.20 -6.52 -16.16
C GLU A 218 -18.25 -7.43 -15.56
N THR A 219 -17.95 -8.72 -15.53
CA THR A 219 -18.88 -9.71 -15.05
C THR A 219 -18.95 -9.63 -13.51
N VAL A 220 -17.78 -9.51 -12.85
CA VAL A 220 -17.71 -9.31 -11.39
C VAL A 220 -18.35 -7.97 -11.02
N LEU A 221 -17.99 -6.93 -11.75
CA LEU A 221 -18.64 -5.61 -11.55
C LEU A 221 -20.18 -5.67 -11.58
N ASP A 222 -20.72 -6.41 -12.54
CA ASP A 222 -22.15 -6.54 -12.71
C ASP A 222 -22.77 -7.23 -11.49
N LYS A 223 -22.07 -8.22 -10.97
CA LYS A 223 -22.56 -8.94 -9.79
C LYS A 223 -22.59 -8.01 -8.57
N ILE A 224 -21.52 -7.23 -8.40
CA ILE A 224 -21.41 -6.30 -7.26
C ILE A 224 -22.56 -5.28 -7.31
N VAL A 225 -22.80 -4.73 -8.50
CA VAL A 225 -23.91 -3.78 -8.67
C VAL A 225 -25.25 -4.37 -8.20
N GLN A 226 -25.56 -5.57 -8.65
CA GLN A 226 -26.85 -6.18 -8.32
C GLN A 226 -26.91 -6.59 -6.83
N GLU A 227 -25.82 -7.11 -6.29
CA GLU A 227 -25.82 -7.57 -4.89
C GLU A 227 -25.79 -6.45 -3.83
N THR A 228 -25.36 -5.26 -4.21
CA THR A 228 -25.29 -4.13 -3.27
C THR A 228 -26.45 -3.14 -3.41
N SER A 229 -27.49 -3.52 -4.14
CA SER A 229 -28.69 -2.69 -4.18
C SER A 229 -29.36 -2.67 -2.79
N PHE A 230 -30.04 -1.57 -2.48
CA PHE A 230 -30.74 -1.43 -1.22
C PHE A 230 -31.67 -2.63 -0.96
N GLU A 231 -32.40 -3.02 -1.99
CA GLU A 231 -33.33 -4.15 -1.89
C GLU A 231 -32.62 -5.46 -1.47
N LYS A 232 -31.46 -5.76 -2.09
CA LYS A 232 -30.72 -6.99 -1.73
C LYS A 232 -30.13 -6.93 -0.36
N MET A 233 -29.55 -5.78 -0.02
CA MET A 233 -28.89 -5.65 1.26
C MET A 233 -29.89 -5.62 2.41
N LYS A 234 -31.07 -5.03 2.18
CA LYS A 234 -32.11 -4.91 3.21
C LYS A 234 -32.61 -6.27 3.66
N GLU A 235 -32.73 -7.20 2.73
CA GLU A 235 -33.21 -8.53 3.09
C GLU A 235 -32.09 -9.36 3.71
N ASN A 236 -30.86 -9.02 3.34
CA ASN A 236 -29.61 -9.44 3.98
C ASN A 236 -28.55 -9.97 3.01
N PHE A 256 -29.11 0.78 10.40
CA PHE A 256 -30.46 0.57 9.90
C PHE A 256 -30.67 0.97 8.45
N MET A 257 -31.17 0.01 7.70
CA MET A 257 -31.46 0.19 6.31
C MET A 257 -32.90 0.66 6.24
N ARG A 258 -33.05 1.98 6.10
CA ARG A 258 -34.33 2.63 6.29
C ARG A 258 -35.12 2.75 4.98
N LYS A 259 -34.67 3.63 4.09
CA LYS A 259 -35.34 3.78 2.79
C LYS A 259 -34.38 3.68 1.63
N GLY A 260 -33.18 4.23 1.84
CA GLY A 260 -32.09 4.09 0.89
C GLY A 260 -32.29 4.84 -0.44
N THR A 261 -32.90 6.02 -0.39
CA THR A 261 -33.09 6.78 -1.64
C THR A 261 -32.52 8.20 -1.54
N VAL A 262 -32.73 9.01 -2.58
CA VAL A 262 -32.34 10.42 -2.57
C VAL A 262 -33.64 11.22 -2.55
N GLY A 263 -33.69 12.27 -1.76
CA GLY A 263 -34.86 13.19 -1.79
C GLY A 263 -35.94 12.93 -0.75
N ASP A 264 -35.72 11.98 0.17
CA ASP A 264 -36.66 11.78 1.29
C ASP A 264 -36.77 13.08 2.13
N TRP A 265 -35.76 13.94 2.02
CA TRP A 265 -35.82 15.25 2.71
C TRP A 265 -37.09 16.08 2.34
N LYS A 266 -37.60 15.88 1.11
CA LYS A 266 -38.78 16.65 0.66
C LYS A 266 -40.03 16.25 1.41
N ASN A 267 -40.04 15.01 1.94
CA ASN A 267 -41.14 14.55 2.80
C ASN A 267 -41.11 15.06 4.23
N HIS A 268 -39.97 15.58 4.64
CA HIS A 268 -39.74 16.05 6.01
C HIS A 268 -39.69 17.57 6.17
N PHE A 269 -38.99 18.24 5.26
CA PHE A 269 -38.80 19.70 5.35
C PHE A 269 -40.11 20.40 4.98
N THR A 270 -40.57 21.32 5.85
CA THR A 270 -41.60 22.27 5.37
C THR A 270 -40.96 23.23 4.38
N VAL A 271 -41.77 23.95 3.60
CA VAL A 271 -41.24 25.00 2.76
C VAL A 271 -40.47 26.09 3.56
N ALA A 272 -41.02 26.46 4.73
CA ALA A 272 -40.36 27.42 5.64
C ALA A 272 -38.98 26.89 6.07
N GLN A 273 -38.94 25.61 6.46
CA GLN A 273 -37.65 25.01 6.83
C GLN A 273 -36.68 25.02 5.67
N ASN A 274 -37.18 24.68 4.50
CA ASN A 274 -36.34 24.70 3.31
C ASN A 274 -35.73 26.05 2.97
N GLU A 275 -36.54 27.13 3.07
CA GLU A 275 -36.03 28.45 2.77
C GLU A 275 -34.98 28.89 3.78
N ARG A 276 -35.22 28.61 5.06
CA ARG A 276 -34.24 28.91 6.09
C ARG A 276 -32.94 28.11 5.83
N PHE A 277 -33.10 26.83 5.59
CA PHE A 277 -31.94 25.97 5.32
C PHE A 277 -31.10 26.43 4.14
N ASP A 278 -31.74 26.72 3.01
CA ASP A 278 -31.01 27.16 1.84
C ASP A 278 -30.21 28.41 2.12
N GLU A 279 -30.77 29.32 2.92
CA GLU A 279 -30.01 30.54 3.22
C GLU A 279 -28.76 30.25 4.07
N ILE A 280 -28.90 29.40 5.09
CA ILE A 280 -27.78 29.03 5.98
C ILE A 280 -26.75 28.28 5.17
N TYR A 281 -27.22 27.36 4.34
CA TYR A 281 -26.34 26.56 3.49
C TYR A 281 -25.50 27.46 2.58
N ARG A 282 -26.14 28.45 1.96
CA ARG A 282 -25.43 29.38 1.07
C ARG A 282 -24.32 30.07 1.81
N ARG A 283 -24.61 30.50 3.04
CA ARG A 283 -23.61 31.19 3.86
C ARG A 283 -22.45 30.25 4.25
N LYS A 284 -22.80 29.07 4.76
CA LYS A 284 -21.76 28.11 5.18
C LYS A 284 -20.92 27.53 4.06
N MET A 285 -21.48 27.45 2.86
CA MET A 285 -20.83 26.73 1.77
C MET A 285 -20.28 27.71 0.75
N GLU A 286 -20.41 29.00 1.08
CA GLU A 286 -19.95 30.07 0.21
C GLU A 286 -18.50 29.87 -0.17
N GLY A 287 -18.25 29.92 -1.47
CA GLY A 287 -16.89 29.87 -1.95
C GLY A 287 -16.34 28.48 -2.13
N THR A 288 -17.06 27.44 -1.69
CA THR A 288 -16.57 26.05 -1.89
C THR A 288 -17.08 25.58 -3.24
N SER A 289 -16.31 24.75 -3.93
CA SER A 289 -16.67 24.34 -5.30
C SER A 289 -17.54 23.08 -5.34
N ILE A 290 -17.83 22.51 -4.17
CA ILE A 290 -18.61 21.29 -4.12
C ILE A 290 -20.07 21.56 -4.53
N ASN A 291 -20.69 20.57 -5.18
CA ASN A 291 -22.09 20.68 -5.51
C ASN A 291 -22.74 19.33 -5.24
N PHE A 292 -24.00 19.34 -4.78
CA PHE A 292 -24.77 18.11 -4.53
C PHE A 292 -26.01 18.01 -5.41
N SER A 293 -26.40 16.78 -5.74
CA SER A 293 -27.71 16.47 -6.27
C SER A 293 -28.69 16.30 -5.13
N MET A 294 -29.91 16.85 -5.29
CA MET A 294 -30.91 16.88 -4.25
C MET A 294 -32.08 15.93 -4.50
N GLU A 295 -32.09 15.27 -5.66
CA GLU A 295 -33.17 14.35 -6.02
C GLU A 295 -32.69 13.40 -7.10
N LEU A 296 -33.39 12.29 -7.30
CA LEU A 296 -32.99 11.31 -8.33
C LEU A 296 -33.32 11.82 -9.74
N LYS B 12 38.90 1.38 -14.50
CA LYS B 12 37.63 1.57 -15.27
C LYS B 12 36.39 1.39 -14.39
N LEU B 13 36.61 1.33 -13.09
CA LEU B 13 35.55 1.30 -12.09
C LEU B 13 35.88 2.37 -11.09
N LYS B 14 34.88 2.82 -10.35
CA LYS B 14 35.13 3.75 -9.27
C LYS B 14 34.61 3.09 -8.01
N GLU B 15 34.80 3.75 -6.89
CA GLU B 15 34.30 3.20 -5.64
C GLU B 15 33.70 4.23 -4.68
N VAL B 16 32.74 3.76 -3.88
CA VAL B 16 32.14 4.54 -2.80
C VAL B 16 32.30 3.72 -1.51
N GLU B 17 32.99 4.29 -0.53
CA GLU B 17 33.19 3.60 0.74
C GLU B 17 33.73 2.19 0.56
N GLY B 18 34.70 2.02 -0.35
CA GLY B 18 35.30 0.72 -0.59
C GLY B 18 34.53 -0.21 -1.50
N THR B 19 33.35 0.20 -1.99
CA THR B 19 32.55 -0.68 -2.85
C THR B 19 32.75 -0.26 -4.28
N LEU B 20 33.15 -1.21 -5.13
CA LEU B 20 33.28 -0.94 -6.56
C LEU B 20 31.92 -0.67 -7.17
N LEU B 21 31.82 0.40 -7.94
CA LEU B 21 30.60 0.72 -8.71
C LEU B 21 30.94 1.22 -10.11
N GLN B 22 29.98 1.15 -11.02
CA GLN B 22 30.19 1.74 -12.37
C GLN B 22 30.53 3.23 -12.24
N PRO B 23 31.51 3.70 -13.04
CA PRO B 23 31.88 5.10 -12.94
C PRO B 23 30.71 6.10 -13.07
N ALA B 24 29.75 5.85 -13.96
CA ALA B 24 28.60 6.78 -14.13
C ALA B 24 27.73 6.84 -12.86
N THR B 25 27.62 5.69 -12.17
CA THR B 25 26.97 5.62 -10.86
C THR B 25 27.67 6.51 -9.83
N VAL B 26 28.98 6.31 -9.66
CA VAL B 26 29.72 7.14 -8.73
C VAL B 26 29.64 8.62 -9.11
N ASP B 27 29.67 8.91 -10.41
CA ASP B 27 29.59 10.31 -10.86
C ASP B 27 28.23 10.94 -10.55
N ASN B 28 27.20 10.11 -10.35
CA ASN B 28 25.84 10.60 -10.01
C ASN B 28 25.49 10.40 -8.53
N TRP B 29 26.52 10.23 -7.70
CA TRP B 29 26.30 9.75 -6.33
C TRP B 29 25.49 10.77 -5.55
N SER B 30 25.72 12.07 -5.79
CA SER B 30 25.01 13.10 -5.04
C SER B 30 23.52 13.02 -5.29
N GLN B 31 23.15 12.89 -6.56
CA GLN B 31 21.75 12.80 -6.89
C GLN B 31 21.14 11.54 -6.29
N ILE B 32 21.86 10.42 -6.38
CA ILE B 32 21.36 9.12 -5.87
C ILE B 32 21.14 9.24 -4.36
N GLN B 33 22.12 9.75 -3.61
CA GLN B 33 21.97 9.84 -2.13
C GLN B 33 20.86 10.82 -1.68
N SER B 34 20.55 11.78 -2.54
CA SER B 34 19.49 12.76 -2.26
C SER B 34 18.08 12.26 -2.66
N PHE B 35 18.01 11.05 -3.22
CA PHE B 35 16.74 10.52 -3.75
C PHE B 35 15.66 10.51 -2.69
N GLU B 36 14.46 10.93 -3.08
CA GLU B 36 13.34 11.02 -2.14
C GLU B 36 12.43 9.84 -2.37
N ALA B 37 12.45 8.88 -1.44
CA ALA B 37 11.51 7.78 -1.46
C ALA B 37 10.11 8.31 -1.13
N LYS B 38 9.10 7.57 -1.56
CA LYS B 38 7.72 7.88 -1.20
C LYS B 38 7.11 6.69 -0.47
N PRO B 39 6.16 6.94 0.45
CA PRO B 39 5.59 5.89 1.29
C PRO B 39 5.10 4.63 0.57
N ASP B 40 4.51 4.78 -0.61
CA ASP B 40 3.96 3.62 -1.30
C ASP B 40 4.88 2.99 -2.36
N ASP B 41 6.17 3.34 -2.29
CA ASP B 41 7.18 2.75 -3.18
C ASP B 41 7.33 1.27 -2.86
N LEU B 42 7.60 0.47 -3.89
CA LEU B 42 8.10 -0.89 -3.72
C LEU B 42 9.48 -0.92 -4.36
N LEU B 43 10.50 -1.30 -3.59
CA LEU B 43 11.88 -1.37 -4.07
C LEU B 43 12.32 -2.83 -4.15
N ILE B 44 12.69 -3.26 -5.35
CA ILE B 44 13.24 -4.60 -5.59
C ILE B 44 14.76 -4.52 -5.41
N CYS B 45 15.31 -5.31 -4.49
N CYS B 45 15.28 -5.41 -4.56
CA CYS B 45 16.75 -5.32 -4.33
CA CYS B 45 16.68 -5.37 -4.12
C CYS B 45 17.26 -6.74 -4.39
C CYS B 45 17.31 -6.77 -4.27
N THR B 46 18.43 -6.87 -4.98
CA THR B 46 19.13 -8.14 -5.12
C THR B 46 20.60 -7.82 -5.17
N TYR B 47 21.40 -8.77 -4.71
CA TYR B 47 22.81 -8.76 -5.02
C TYR B 47 22.90 -9.10 -6.53
N PRO B 48 23.91 -8.60 -7.26
CA PRO B 48 23.96 -9.00 -8.68
C PRO B 48 23.91 -10.53 -8.87
N LYS B 49 23.10 -11.02 -9.82
CA LYS B 49 22.99 -12.46 -10.17
C LYS B 49 22.09 -13.31 -9.25
N ALA B 50 21.51 -12.69 -8.21
CA ALA B 50 20.62 -13.40 -7.29
C ALA B 50 19.20 -13.62 -7.79
N GLY B 51 18.84 -13.03 -8.93
CA GLY B 51 17.51 -13.27 -9.53
C GLY B 51 16.70 -12.02 -9.89
N THR B 52 17.39 -10.93 -10.18
CA THR B 52 16.76 -9.64 -10.57
C THR B 52 15.82 -9.78 -11.77
N THR B 53 16.34 -10.31 -12.87
CA THR B 53 15.52 -10.44 -14.06
C THR B 53 14.27 -11.28 -13.81
N TRP B 54 14.44 -12.39 -13.09
CA TRP B 54 13.32 -13.25 -12.75
C TRP B 54 12.25 -12.55 -11.89
N ILE B 55 12.65 -11.97 -10.75
CA ILE B 55 11.69 -11.36 -9.83
C ILE B 55 11.00 -10.12 -10.44
N GLN B 56 11.72 -9.38 -11.26
CA GLN B 56 11.19 -8.25 -12.02
C GLN B 56 10.05 -8.69 -12.95
N GLU B 57 10.26 -9.80 -13.65
CA GLU B 57 9.25 -10.34 -14.54
C GLU B 57 8.02 -10.78 -13.74
N ILE B 58 8.24 -11.48 -12.63
CA ILE B 58 7.17 -11.91 -11.71
C ILE B 58 6.36 -10.69 -11.20
N VAL B 59 7.07 -9.68 -10.70
CA VAL B 59 6.41 -8.47 -10.18
C VAL B 59 5.57 -7.79 -11.27
N ASP B 60 6.17 -7.63 -12.45
CA ASP B 60 5.49 -7.00 -13.58
C ASP B 60 4.21 -7.73 -13.99
N MET B 61 4.24 -9.06 -13.98
CA MET B 61 3.05 -9.81 -14.37
C MET B 61 1.96 -9.64 -13.35
N ILE B 62 2.35 -9.60 -12.07
CA ILE B 62 1.41 -9.42 -10.98
C ILE B 62 0.75 -8.05 -11.09
N GLU B 63 1.58 -7.06 -11.39
N GLU B 63 1.55 -7.04 -11.39
CA GLU B 63 1.19 -5.67 -11.60
CA GLU B 63 1.06 -5.68 -11.54
C GLU B 63 0.12 -5.54 -12.72
C GLU B 63 0.06 -5.55 -12.70
N GLN B 64 0.13 -6.49 -13.64
CA GLN B 64 -0.72 -6.43 -14.86
C GLN B 64 -2.24 -6.69 -14.79
N ASN B 65 -2.72 -7.94 -14.72
CA ASN B 65 -2.00 -9.13 -14.28
C ASN B 65 -2.19 -10.35 -15.20
N GLY B 66 -1.08 -10.80 -15.80
CA GLY B 66 -1.10 -12.02 -16.60
C GLY B 66 -1.11 -11.75 -18.09
N HIS B 80 11.16 -0.57 -14.55
CA HIS B 80 11.40 -0.27 -13.14
C HIS B 80 12.69 0.50 -13.03
N PRO B 81 12.59 1.83 -12.84
CA PRO B 81 13.76 2.71 -12.69
C PRO B 81 14.78 2.07 -11.73
N PHE B 82 16.02 2.05 -12.21
CA PHE B 82 17.13 1.40 -11.55
C PHE B 82 17.86 2.56 -10.85
N ILE B 83 17.72 2.67 -9.54
CA ILE B 83 18.01 3.93 -8.85
C ILE B 83 19.42 4.47 -9.08
N GLU B 84 20.41 3.59 -9.05
CA GLU B 84 21.80 4.04 -9.08
C GLU B 84 22.31 4.07 -10.52
N TRP B 85 21.46 3.75 -11.48
CA TRP B 85 21.91 3.66 -12.85
C TRP B 85 22.03 5.08 -13.44
N ALA B 86 23.08 5.30 -14.22
CA ALA B 86 23.21 6.58 -14.92
C ALA B 86 23.91 6.33 -16.26
N ARG B 87 23.54 7.12 -17.25
CA ARG B 87 24.25 7.13 -18.53
C ARG B 87 24.13 8.55 -19.09
N PRO B 88 24.92 9.47 -18.52
CA PRO B 88 24.74 10.86 -18.87
C PRO B 88 25.04 11.05 -20.38
N PRO B 89 24.41 12.06 -21.02
CA PRO B 89 23.51 13.00 -20.42
C PRO B 89 22.01 12.59 -20.53
N GLN B 90 21.75 11.31 -20.79
CA GLN B 90 20.40 10.78 -20.78
C GLN B 90 19.80 10.81 -19.36
N PRO B 91 18.45 10.78 -19.22
CA PRO B 91 17.87 10.78 -17.87
C PRO B 91 18.40 9.64 -17.02
N SER B 92 18.73 9.93 -15.77
CA SER B 92 19.28 8.97 -14.84
C SER B 92 18.16 8.06 -14.24
N GLY B 93 18.58 7.00 -13.55
CA GLY B 93 17.61 6.16 -12.81
C GLY B 93 16.80 7.05 -11.87
N VAL B 94 17.47 7.96 -11.17
CA VAL B 94 16.75 8.86 -10.26
C VAL B 94 15.71 9.71 -11.02
N GLU B 95 16.10 10.27 -12.16
CA GLU B 95 15.21 11.15 -12.91
C GLU B 95 14.02 10.39 -13.44
N LYS B 96 14.23 9.14 -13.86
CA LYS B 96 13.15 8.29 -14.33
C LYS B 96 12.20 7.95 -13.18
N ALA B 97 12.77 7.64 -12.02
CA ALA B 97 11.99 7.37 -10.81
C ALA B 97 11.12 8.56 -10.39
N LYS B 98 11.70 9.76 -10.44
CA LYS B 98 10.95 10.99 -10.11
C LYS B 98 9.74 11.25 -11.02
N ALA B 99 9.83 10.76 -12.24
CA ALA B 99 8.78 10.92 -13.26
C ALA B 99 7.71 9.84 -13.19
N MET B 100 7.96 8.79 -12.41
CA MET B 100 7.10 7.59 -12.42
C MET B 100 5.93 7.81 -11.46
N PRO B 101 4.70 7.64 -11.96
CA PRO B 101 3.53 7.73 -11.07
C PRO B 101 3.57 6.74 -9.91
N SER B 102 3.05 7.15 -8.77
CA SER B 102 2.90 6.26 -7.59
C SER B 102 1.66 5.37 -7.77
N PRO B 103 1.68 4.14 -7.21
CA PRO B 103 2.84 3.53 -6.52
C PRO B 103 3.97 3.09 -7.46
N ARG B 104 5.18 3.53 -7.15
CA ARG B 104 6.32 3.26 -7.97
C ARG B 104 6.85 1.88 -7.68
N ILE B 105 7.39 1.24 -8.71
CA ILE B 105 8.19 0.00 -8.53
C ILE B 105 9.59 0.30 -9.06
N LEU B 106 10.57 0.20 -8.17
CA LEU B 106 11.91 0.62 -8.42
C LEU B 106 12.85 -0.56 -8.19
N LYS B 107 14.07 -0.45 -8.67
CA LYS B 107 15.02 -1.54 -8.42
C LYS B 107 16.39 -1.00 -8.04
N THR B 108 17.15 -1.79 -7.28
CA THR B 108 18.51 -1.42 -6.92
C THR B 108 19.35 -2.68 -6.65
N HIS B 109 20.67 -2.57 -6.75
CA HIS B 109 21.59 -3.60 -6.23
C HIS B 109 22.34 -3.12 -4.97
N LEU B 110 21.98 -1.93 -4.46
CA LEU B 110 22.78 -1.31 -3.41
C LEU B 110 22.66 -2.08 -2.09
N SER B 111 23.77 -2.19 -1.38
CA SER B 111 23.75 -2.69 0.02
C SER B 111 22.96 -1.75 0.93
N THR B 112 22.56 -2.24 2.11
CA THR B 112 21.98 -1.36 3.14
C THR B 112 22.93 -0.21 3.56
N GLN B 113 24.24 -0.39 3.39
CA GLN B 113 25.19 0.66 3.77
C GLN B 113 25.05 1.84 2.82
N LEU B 114 24.80 1.54 1.55
CA LEU B 114 24.84 2.57 0.49
C LEU B 114 23.46 3.01 0.02
N LEU B 115 22.40 2.34 0.45
CA LEU B 115 21.05 2.73 0.00
C LEU B 115 20.74 4.18 0.40
N PRO B 116 20.10 4.96 -0.49
CA PRO B 116 19.76 6.34 -0.07
C PRO B 116 18.87 6.33 1.16
N PRO B 117 19.22 7.14 2.18
CA PRO B 117 18.64 7.03 3.54
C PRO B 117 17.15 7.30 3.61
N SER B 118 16.61 8.00 2.61
CA SER B 118 15.17 8.28 2.55
C SER B 118 14.33 7.01 2.57
N PHE B 119 14.85 5.91 2.01
CA PHE B 119 14.10 4.67 1.98
C PHE B 119 13.78 4.15 3.38
N TRP B 120 14.63 4.47 4.34
CA TRP B 120 14.43 3.95 5.68
C TRP B 120 13.49 4.79 6.54
N GLU B 121 13.08 5.95 6.04
CA GLU B 121 12.21 6.83 6.83
C GLU B 121 10.84 7.02 6.25
N ASN B 122 10.53 6.16 5.29
CA ASN B 122 9.21 6.08 4.75
C ASN B 122 8.95 4.59 4.95
N ASN B 123 7.72 4.27 5.31
CA ASN B 123 7.29 2.89 5.46
C ASN B 123 7.08 2.20 4.09
N CYS B 124 8.13 2.28 3.24
CA CYS B 124 8.23 1.67 1.89
C CYS B 124 8.13 0.15 1.99
N LYS B 125 7.82 -0.49 0.88
CA LYS B 125 7.95 -1.94 0.80
C LYS B 125 9.23 -2.28 0.05
N PHE B 126 9.84 -3.41 0.43
CA PHE B 126 11.07 -3.88 -0.19
C PHE B 126 10.89 -5.36 -0.48
N LEU B 127 11.26 -5.76 -1.70
CA LEU B 127 11.25 -7.17 -2.09
C LEU B 127 12.70 -7.59 -2.32
N TYR B 128 13.25 -8.40 -1.41
CA TYR B 128 14.69 -8.82 -1.48
C TYR B 128 14.70 -10.26 -1.93
N VAL B 129 15.51 -10.54 -2.94
CA VAL B 129 15.81 -11.95 -3.28
C VAL B 129 17.28 -12.24 -3.03
N ALA B 130 17.49 -13.28 -2.23
CA ALA B 130 18.80 -13.81 -1.89
C ALA B 130 19.05 -15.11 -2.67
N ARG B 131 20.31 -15.38 -2.95
CA ARG B 131 20.67 -16.62 -3.65
C ARG B 131 21.96 -17.16 -3.04
N ASN B 132 22.13 -18.49 -2.99
CA ASN B 132 23.37 -19.01 -2.33
C ASN B 132 24.69 -18.44 -2.90
N ALA B 133 25.69 -18.25 -2.05
CA ALA B 133 26.90 -17.52 -2.43
C ALA B 133 27.67 -18.22 -3.54
N LYS B 134 27.60 -19.56 -3.53
CA LYS B 134 28.39 -20.38 -4.47
C LYS B 134 27.85 -20.22 -5.87
N ASP B 135 26.54 -20.40 -6.03
CA ASP B 135 25.87 -20.16 -7.30
C ASP B 135 25.97 -18.70 -7.78
N CYS B 136 25.89 -17.74 -6.85
CA CYS B 136 26.17 -16.32 -7.20
C CYS B 136 27.56 -16.12 -7.76
N MET B 137 28.58 -16.72 -7.14
CA MET B 137 29.96 -16.63 -7.67
C MET B 137 30.02 -17.13 -9.12
N VAL B 138 29.41 -18.28 -9.38
CA VAL B 138 29.38 -18.87 -10.72
C VAL B 138 28.66 -17.99 -11.74
N SER B 139 27.46 -17.54 -11.37
CA SER B 139 26.68 -16.66 -12.24
C SER B 139 27.44 -15.37 -12.57
N TYR B 140 28.08 -14.76 -11.57
CA TYR B 140 28.81 -13.48 -11.76
C TYR B 140 30.06 -13.69 -12.62
N TYR B 141 30.74 -14.82 -12.38
CA TYR B 141 31.91 -15.18 -13.19
C TYR B 141 31.57 -15.14 -14.68
N HIS B 142 30.56 -15.92 -15.06
CA HIS B 142 30.14 -16.05 -16.45
C HIS B 142 29.54 -14.77 -17.01
N PHE B 143 28.78 -14.04 -16.19
CA PHE B 143 28.29 -12.71 -16.58
C PHE B 143 29.43 -11.74 -16.89
N GLN B 144 30.48 -11.75 -16.07
CA GLN B 144 31.62 -10.84 -16.30
C GLN B 144 32.41 -11.19 -17.55
N ARG B 145 32.42 -12.47 -17.94
CA ARG B 145 33.06 -12.87 -19.18
C ARG B 145 32.28 -12.34 -20.37
N MET B 146 30.95 -12.43 -20.29
CA MET B 146 30.06 -12.07 -21.39
C MET B 146 29.79 -10.55 -21.54
N ASN B 147 29.74 -9.84 -20.43
CA ASN B 147 29.39 -8.41 -20.41
C ASN B 147 30.62 -7.52 -20.56
N HIS B 148 30.61 -6.60 -21.52
CA HIS B 148 31.78 -5.72 -21.77
C HIS B 148 31.92 -4.51 -20.86
N MET B 149 30.86 -4.17 -20.13
CA MET B 149 30.94 -3.11 -19.14
C MET B 149 31.55 -3.61 -17.83
N LEU B 150 31.83 -4.91 -17.76
CA LEU B 150 32.42 -5.52 -16.57
C LEU B 150 33.86 -5.99 -16.77
N PRO B 151 34.68 -5.90 -15.72
CA PRO B 151 36.06 -6.37 -15.86
C PRO B 151 36.12 -7.82 -16.32
N ASP B 152 37.24 -8.20 -16.93
CA ASP B 152 37.50 -9.61 -17.12
C ASP B 152 37.71 -10.23 -15.72
N PRO B 153 37.03 -11.36 -15.43
CA PRO B 153 37.15 -11.97 -14.09
C PRO B 153 38.47 -12.74 -13.91
N GLY B 154 39.18 -12.95 -15.02
CA GLY B 154 40.36 -13.81 -15.02
C GLY B 154 39.95 -15.27 -15.04
N THR B 155 40.85 -16.13 -14.60
CA THR B 155 40.56 -17.55 -14.54
C THR B 155 39.62 -17.79 -13.38
N TRP B 156 38.88 -18.90 -13.45
CA TRP B 156 38.04 -19.33 -12.34
C TRP B 156 38.78 -19.22 -11.00
N GLU B 157 40.00 -19.76 -10.94
CA GLU B 157 40.78 -19.75 -9.71
C GLU B 157 41.03 -18.35 -9.18
N GLU B 158 41.26 -17.39 -10.07
CA GLU B 158 41.52 -16.01 -9.68
C GLU B 158 40.20 -15.35 -9.23
N TYR B 159 39.13 -15.64 -9.95
CA TYR B 159 37.84 -15.00 -9.66
C TYR B 159 37.29 -15.47 -8.33
N PHE B 160 37.60 -16.72 -7.98
CA PHE B 160 37.19 -17.29 -6.71
C PHE B 160 37.68 -16.42 -5.57
N GLU B 161 38.95 -15.99 -5.63
CA GLU B 161 39.53 -15.10 -4.62
C GLU B 161 38.90 -13.69 -4.66
N THR B 162 38.76 -13.15 -5.87
CA THR B 162 38.12 -11.83 -6.10
C THR B 162 36.75 -11.78 -5.43
N PHE B 163 35.93 -12.79 -5.70
CA PHE B 163 34.54 -12.82 -5.22
C PHE B 163 34.54 -12.94 -3.68
N ILE B 164 35.37 -13.84 -3.13
CA ILE B 164 35.40 -14.02 -1.67
C ILE B 164 35.73 -12.72 -0.97
N ASN B 165 36.62 -11.94 -1.59
CA ASN B 165 37.09 -10.69 -1.06
C ASN B 165 36.13 -9.53 -1.32
N GLY B 166 35.07 -9.81 -2.10
CA GLY B 166 34.05 -8.81 -2.42
C GLY B 166 34.52 -7.72 -3.36
N LYS B 167 35.57 -8.00 -4.13
CA LYS B 167 36.16 -7.02 -5.04
C LYS B 167 35.53 -7.10 -6.43
N VAL B 168 34.20 -7.05 -6.42
CA VAL B 168 33.40 -7.08 -7.63
C VAL B 168 32.43 -5.89 -7.55
N VAL B 169 31.82 -5.53 -8.67
CA VAL B 169 30.90 -4.38 -8.73
C VAL B 169 29.71 -4.69 -7.82
N TRP B 170 29.35 -3.70 -6.98
CA TRP B 170 28.34 -3.81 -5.87
C TRP B 170 28.83 -4.51 -4.61
N GLY B 171 30.09 -4.91 -4.57
CA GLY B 171 30.75 -5.31 -3.35
C GLY B 171 30.50 -6.75 -2.92
N SER B 172 30.65 -6.99 -1.61
CA SER B 172 30.62 -8.33 -1.05
C SER B 172 29.22 -8.91 -0.97
N TRP B 173 29.06 -10.15 -1.45
CA TRP B 173 27.85 -10.93 -1.22
C TRP B 173 27.52 -11.02 0.27
N PHE B 174 28.55 -11.18 1.11
CA PHE B 174 28.34 -11.37 2.57
C PHE B 174 27.74 -10.13 3.22
N ASP B 175 28.38 -9.00 2.98
CA ASP B 175 27.91 -7.71 3.52
C ASP B 175 26.48 -7.43 3.01
N HIS B 176 26.22 -7.72 1.74
CA HIS B 176 24.90 -7.43 1.14
C HIS B 176 23.80 -8.22 1.86
N VAL B 177 23.95 -9.55 1.90
CA VAL B 177 22.91 -10.44 2.42
C VAL B 177 22.74 -10.18 3.92
N LYS B 178 23.86 -10.03 4.64
CA LYS B 178 23.79 -9.78 6.09
C LYS B 178 23.01 -8.49 6.43
N GLY B 179 23.29 -7.43 5.68
CA GLY B 179 22.70 -6.10 5.96
C GLY B 179 21.19 -6.10 5.73
N TRP B 180 20.77 -6.70 4.60
CA TRP B 180 19.38 -6.79 4.23
C TRP B 180 18.62 -7.77 5.14
N TRP B 181 19.27 -8.87 5.53
CA TRP B 181 18.66 -9.82 6.49
C TRP B 181 18.35 -9.14 7.82
N GLU B 182 19.25 -8.30 8.29
CA GLU B 182 19.03 -7.51 9.52
C GLU B 182 17.91 -6.48 9.34
N MET B 183 18.00 -5.70 8.27
CA MET B 183 17.02 -4.66 8.01
C MET B 183 15.58 -5.17 7.88
N LYS B 184 15.39 -6.44 7.51
CA LYS B 184 14.04 -6.99 7.38
C LYS B 184 13.26 -6.93 8.72
N ASP B 185 13.99 -6.86 9.83
CA ASP B 185 13.36 -6.89 11.15
C ASP B 185 12.72 -5.55 11.53
N ARG B 186 13.08 -4.49 10.80
CA ARG B 186 12.66 -3.12 11.14
C ARG B 186 11.97 -2.37 9.98
N HIS B 187 11.77 -3.06 8.85
CA HIS B 187 11.20 -2.45 7.65
C HIS B 187 10.37 -3.50 6.95
N GLN B 188 9.47 -3.08 6.06
CA GLN B 188 8.53 -4.02 5.42
C GLN B 188 9.28 -4.68 4.27
N ILE B 189 10.09 -5.69 4.62
CA ILE B 189 10.87 -6.44 3.61
C ILE B 189 10.37 -7.88 3.46
N LEU B 190 9.95 -8.22 2.25
CA LEU B 190 9.66 -9.60 1.89
C LEU B 190 11.00 -10.19 1.41
N PHE B 191 11.55 -11.12 2.19
CA PHE B 191 12.89 -11.66 1.93
C PHE B 191 12.71 -13.08 1.40
N LEU B 192 12.98 -13.24 0.12
CA LEU B 192 12.77 -14.50 -0.59
C LEU B 192 14.10 -15.11 -0.94
N PHE B 193 14.08 -16.39 -1.30
CA PHE B 193 15.29 -17.10 -1.73
C PHE B 193 15.05 -17.66 -3.12
N TYR B 194 16.01 -17.39 -4.00
CA TYR B 194 16.02 -17.85 -5.37
C TYR B 194 15.77 -19.38 -5.43
N GLU B 195 16.43 -20.12 -4.55
CA GLU B 195 16.28 -21.60 -4.51
C GLU B 195 14.86 -22.05 -4.19
N ASP B 196 14.19 -21.32 -3.28
CA ASP B 196 12.75 -21.56 -2.97
C ASP B 196 11.87 -21.28 -4.17
N ILE B 197 12.09 -20.16 -4.86
CA ILE B 197 11.31 -19.87 -6.06
C ILE B 197 11.54 -20.98 -7.11
N LYS B 198 12.76 -21.50 -7.17
CA LYS B 198 13.03 -22.55 -8.14
C LYS B 198 12.32 -23.83 -7.72
N ARG B 199 12.44 -24.19 -6.44
CA ARG B 199 11.79 -25.40 -5.91
C ARG B 199 10.27 -25.37 -6.00
N ASP B 200 9.66 -24.27 -5.59
CA ASP B 200 8.20 -24.15 -5.64
C ASP B 200 7.76 -22.73 -6.03
N PRO B 201 7.76 -22.40 -7.34
CA PRO B 201 7.46 -21.03 -7.77
C PRO B 201 6.08 -20.54 -7.36
N LYS B 202 5.04 -21.37 -7.52
CA LYS B 202 3.66 -20.96 -7.23
C LYS B 202 3.55 -20.56 -5.76
N HIS B 203 4.24 -21.29 -4.90
CA HIS B 203 4.24 -21.00 -3.47
C HIS B 203 4.86 -19.64 -3.18
N GLU B 204 6.00 -19.36 -3.81
CA GLU B 204 6.72 -18.11 -3.57
C GLU B 204 6.02 -16.93 -4.25
N ILE B 205 5.59 -17.12 -5.49
CA ILE B 205 4.84 -16.09 -6.22
C ILE B 205 3.55 -15.67 -5.48
N ARG B 206 2.91 -16.62 -4.79
CA ARG B 206 1.73 -16.30 -3.98
C ARG B 206 2.04 -15.29 -2.87
N LYS B 207 3.19 -15.48 -2.22
CA LYS B 207 3.70 -14.58 -1.20
C LYS B 207 3.91 -13.16 -1.74
N VAL B 208 4.45 -13.08 -2.97
CA VAL B 208 4.68 -11.79 -3.66
C VAL B 208 3.33 -11.10 -3.96
N MET B 209 2.34 -11.89 -4.41
CA MET B 209 1.00 -11.34 -4.69
C MET B 209 0.39 -10.72 -3.46
N GLN B 210 0.32 -11.50 -2.38
CA GLN B 210 -0.15 -11.03 -1.09
C GLN B 210 0.62 -9.77 -0.64
N PHE B 211 1.95 -9.81 -0.78
CA PHE B 211 2.80 -8.69 -0.39
C PHE B 211 2.45 -7.42 -1.18
N MET B 212 2.12 -7.57 -2.45
CA MET B 212 1.78 -6.42 -3.28
C MET B 212 0.30 -6.01 -3.14
N GLY B 213 -0.44 -6.75 -2.31
CA GLY B 213 -1.86 -6.46 -2.09
C GLY B 213 -2.79 -6.91 -3.22
N LYS B 214 -2.39 -7.93 -3.95
CA LYS B 214 -3.22 -8.56 -4.99
C LYS B 214 -3.93 -9.78 -4.42
N LYS B 215 -5.14 -10.06 -4.91
CA LYS B 215 -5.98 -11.08 -4.30
C LYS B 215 -5.89 -12.42 -5.04
N GLU B 218 -5.25 -19.90 -8.72
CA GLU B 218 -5.80 -18.96 -9.70
C GLU B 218 -5.28 -19.23 -11.12
N THR B 219 -6.07 -18.86 -12.11
CA THR B 219 -5.69 -19.01 -13.53
C THR B 219 -4.56 -18.04 -13.91
N VAL B 220 -4.50 -16.89 -13.23
CA VAL B 220 -3.41 -15.93 -13.43
C VAL B 220 -2.11 -16.40 -12.77
N LEU B 221 -2.22 -16.98 -11.58
CA LEU B 221 -1.08 -17.56 -10.88
C LEU B 221 -0.37 -18.61 -11.76
N ASP B 222 -1.16 -19.44 -12.43
CA ASP B 222 -0.65 -20.49 -13.31
C ASP B 222 0.09 -19.89 -14.49
N LYS B 223 -0.58 -18.95 -15.15
CA LYS B 223 -0.04 -18.22 -16.30
C LYS B 223 1.27 -17.51 -15.94
N ILE B 224 1.34 -16.99 -14.72
CA ILE B 224 2.57 -16.34 -14.24
C ILE B 224 3.67 -17.38 -14.05
N VAL B 225 3.38 -18.44 -13.29
CA VAL B 225 4.28 -19.59 -13.13
C VAL B 225 4.79 -20.11 -14.49
N GLN B 226 3.88 -20.36 -15.43
CA GLN B 226 4.29 -20.90 -16.74
C GLN B 226 5.13 -19.90 -17.53
N GLU B 227 4.75 -18.62 -17.47
CA GLU B 227 5.44 -17.61 -18.28
C GLU B 227 6.81 -17.19 -17.74
N THR B 228 7.00 -17.31 -16.42
CA THR B 228 8.27 -16.90 -15.81
C THR B 228 9.22 -18.09 -15.55
N SER B 229 8.97 -19.24 -16.17
CA SER B 229 9.92 -20.34 -16.10
C SER B 229 11.10 -19.97 -16.99
N PHE B 230 12.26 -20.52 -16.69
CA PHE B 230 13.49 -20.18 -17.40
C PHE B 230 13.37 -20.41 -18.92
N GLU B 231 12.75 -21.53 -19.30
CA GLU B 231 12.65 -21.92 -20.72
C GLU B 231 11.89 -20.88 -21.51
N LYS B 232 10.70 -20.55 -21.02
CA LYS B 232 9.84 -19.52 -21.59
C LYS B 232 10.46 -18.12 -21.67
N MET B 233 11.10 -17.66 -20.60
CA MET B 233 11.68 -16.31 -20.55
C MET B 233 12.89 -16.14 -21.46
N PHE B 256 21.62 -12.85 -21.07
CA PHE B 256 22.36 -13.49 -19.98
C PHE B 256 21.55 -14.54 -19.20
N MET B 257 20.59 -15.15 -19.89
CA MET B 257 19.87 -16.30 -19.36
C MET B 257 20.76 -17.52 -19.58
N ARG B 258 21.55 -17.87 -18.57
CA ARG B 258 22.59 -18.89 -18.70
C ARG B 258 22.01 -20.29 -18.51
N LYS B 259 21.86 -20.72 -17.26
CA LYS B 259 21.32 -22.05 -16.94
C LYS B 259 20.03 -21.99 -16.13
N GLY B 260 19.97 -21.06 -15.18
CA GLY B 260 18.74 -20.88 -14.41
C GLY B 260 18.40 -21.97 -13.43
N THR B 261 19.43 -22.57 -12.83
CA THR B 261 19.18 -23.65 -11.87
C THR B 261 19.92 -23.44 -10.57
N VAL B 262 19.88 -24.47 -9.72
CA VAL B 262 20.53 -24.47 -8.42
C VAL B 262 21.60 -25.55 -8.41
N GLY B 263 22.80 -25.25 -7.93
CA GLY B 263 23.85 -26.28 -7.80
C GLY B 263 24.95 -26.29 -8.86
N ASP B 264 24.87 -25.38 -9.84
CA ASP B 264 25.94 -25.27 -10.82
C ASP B 264 27.30 -24.98 -10.20
N TRP B 265 27.35 -24.49 -8.95
CA TRP B 265 28.62 -24.34 -8.25
C TRP B 265 29.41 -25.67 -8.18
N LYS B 266 28.71 -26.80 -8.16
CA LYS B 266 29.35 -28.13 -8.06
C LYS B 266 30.19 -28.45 -9.28
N ASN B 267 29.76 -27.90 -10.41
CA ASN B 267 30.51 -27.99 -11.67
C ASN B 267 31.71 -27.06 -11.76
N HIS B 268 31.93 -26.22 -10.74
CA HIS B 268 32.94 -25.17 -10.81
C HIS B 268 33.92 -25.20 -9.65
N PHE B 269 33.40 -25.32 -8.43
CA PHE B 269 34.25 -25.37 -7.24
C PHE B 269 35.02 -26.68 -7.22
N THR B 270 36.33 -26.58 -7.06
CA THR B 270 37.12 -27.78 -6.77
C THR B 270 36.75 -28.25 -5.34
N VAL B 271 37.07 -29.51 -5.04
CA VAL B 271 36.91 -30.04 -3.69
C VAL B 271 37.65 -29.12 -2.68
N ALA B 272 38.86 -28.70 -3.01
CA ALA B 272 39.65 -27.85 -2.12
C ALA B 272 39.06 -26.42 -1.99
N GLN B 273 38.58 -25.87 -3.10
CA GLN B 273 37.90 -24.55 -3.04
C GLN B 273 36.64 -24.64 -2.16
N ASN B 274 35.92 -25.73 -2.30
CA ASN B 274 34.71 -25.95 -1.52
C ASN B 274 34.98 -26.04 -0.02
N GLU B 275 36.05 -26.74 0.38
CA GLU B 275 36.39 -26.88 1.81
C GLU B 275 36.79 -25.52 2.35
N ARG B 276 37.60 -24.81 1.57
CA ARG B 276 38.06 -23.48 1.92
C ARG B 276 36.90 -22.49 2.03
N PHE B 277 36.06 -22.43 1.01
CA PHE B 277 34.91 -21.55 1.01
C PHE B 277 34.01 -21.79 2.24
N ASP B 278 33.76 -23.07 2.55
CA ASP B 278 32.88 -23.44 3.68
C ASP B 278 33.38 -22.89 5.02
N GLU B 279 34.69 -22.95 5.23
CA GLU B 279 35.30 -22.37 6.44
C GLU B 279 35.12 -20.84 6.51
N ILE B 280 35.43 -20.17 5.39
CA ILE B 280 35.32 -18.71 5.29
C ILE B 280 33.87 -18.27 5.54
N TYR B 281 32.94 -18.94 4.88
CA TYR B 281 31.52 -18.66 5.04
C TYR B 281 31.08 -18.79 6.50
N ARG B 282 31.48 -19.88 7.14
CA ARG B 282 31.14 -20.12 8.55
C ARG B 282 31.58 -18.96 9.43
N ARG B 283 32.78 -18.43 9.19
CA ARG B 283 33.29 -17.28 9.90
C ARG B 283 32.53 -15.99 9.59
N LYS B 284 32.23 -15.76 8.32
CA LYS B 284 31.54 -14.51 7.94
C LYS B 284 30.07 -14.47 8.34
N MET B 285 29.41 -15.63 8.34
CA MET B 285 27.96 -15.70 8.61
C MET B 285 27.61 -16.07 10.07
N GLU B 286 28.64 -16.07 10.90
CA GLU B 286 28.52 -16.40 12.32
C GLU B 286 27.47 -15.56 13.04
N GLY B 287 26.49 -16.23 13.65
CA GLY B 287 25.43 -15.57 14.42
C GLY B 287 24.34 -14.91 13.60
N THR B 288 24.31 -15.23 12.31
CA THR B 288 23.16 -14.91 11.49
C THR B 288 22.37 -16.20 11.46
N SER B 289 21.05 -16.08 11.36
CA SER B 289 20.19 -17.25 11.37
C SER B 289 19.70 -17.62 9.96
N ILE B 290 20.41 -17.18 8.94
CA ILE B 290 19.95 -17.38 7.56
C ILE B 290 20.44 -18.70 6.98
N ASN B 291 19.54 -19.45 6.34
CA ASN B 291 19.85 -20.76 5.77
C ASN B 291 19.68 -20.72 4.27
N PHE B 292 20.61 -21.34 3.53
CA PHE B 292 20.47 -21.46 2.07
C PHE B 292 20.36 -22.91 1.65
N SER B 293 19.50 -23.20 0.67
CA SER B 293 19.57 -24.48 -0.08
C SER B 293 20.72 -24.40 -1.11
N MET B 294 21.46 -25.51 -1.24
CA MET B 294 22.61 -25.57 -2.14
C MET B 294 22.36 -26.44 -3.38
N GLU B 295 21.19 -27.06 -3.44
CA GLU B 295 20.85 -27.98 -4.52
C GLU B 295 19.35 -28.13 -4.74
N LEU B 296 18.98 -28.55 -5.95
CA LEU B 296 17.60 -28.88 -6.41
C LEU B 296 17.24 -28.21 -7.75
#